data_8J27
#
_entry.id   8J27
#
loop_
_entity.id
_entity.type
_entity.pdbx_description
1 polymer 'Delta-1-pyrroline-5-carboxylate synthase B'
2 non-polymer "ADENOSINE-5'-DIPHOSPHATE"
#
_entity_poly.entity_id   1
_entity_poly.type   'polypeptide(L)'
_entity_poly.pdbx_seq_one_letter_code
;MTEIDRSRAFAKDVKRIVVKVGTAVVTGKGGRLALGRLGAICEQLAELNSDGFEVILVSSGAVGLGRQRLRYRQLVNSSF
ADLQKPQMELDGKACAGVGQSSLMAYYETMFDQLDVTVAQMLVTDSSFRDKDFRKQLSETVKAMLRMRVIPVFNENDAIS
TRRAPYKDSTGIFWDNDSLAALLSLELKADLLILLSDVEGLYTGPPSDSTSKLIHTFIKEKHQDEITFGEKSKLGRGGMT
AKVKAAVNAAYGGVPVIITSGYAAENISKVLRGLRVGTLFHQDAHLWAPVVDTTSRDMAVAARESSRKLQALSSEDRKQI
LHDIANALEVNEKTIKAENDLDVAAAQEAGYEESLVARLVMKPGKISSLAASVRQLAEMEDPIGRVLKKTQVADDLILEK
TSSPIGVLLIVFESRPDALVQIASLAIRSGNGLLLKGGKEARRSNAILHKVITDAIPETVGGKLIGLVTSREEIPDLLKL
DDVIDLVIPRGSNKLVSQIKNSTKIPVLGHADGICHVYVDKSGKLDMAKRIVSDAKLDYPAACNAMETLLVHKDLEQNGF
LDDLIYVLQTKGVTLYGGPRASAKLNIPETKSFHHEYSSKACTVEIVEDVYGAIDHIHQHGSAHTDCIVTEDSEVAEIFL
RQVDSAAVFHNASTRFSDGFRFGLGAEVGISTSRIHARGPVGVEGLLTTRWIMRGKGQVVDGDNGIVYTHKDLPVLQRTE
AVENGI
;
_entity_poly.pdbx_strand_id   F,A,B,E
#
# COMPACT_ATOMS: atom_id res chain seq x y z
N TYR A 72 -2.42 45.27 -9.16
CA TYR A 72 -3.25 44.41 -8.31
C TYR A 72 -4.05 43.44 -9.14
N ARG A 73 -4.78 43.96 -10.12
CA ARG A 73 -5.52 43.07 -10.99
C ARG A 73 -4.52 42.08 -11.56
N GLN A 74 -3.32 42.56 -11.84
CA GLN A 74 -2.28 41.67 -12.33
C GLN A 74 -2.01 40.58 -11.32
N LEU A 75 -1.70 40.97 -10.09
CA LEU A 75 -1.41 39.99 -9.06
C LEU A 75 -2.58 39.05 -8.94
N VAL A 76 -3.78 39.61 -8.98
CA VAL A 76 -4.96 38.80 -8.89
C VAL A 76 -4.89 37.74 -9.95
N ASN A 77 -4.37 38.11 -11.09
CA ASN A 77 -4.24 37.14 -12.15
C ASN A 77 -2.79 36.71 -12.37
N SER A 78 -2.35 35.72 -11.60
CA SER A 78 -1.01 35.18 -11.77
C SER A 78 -0.95 33.82 -11.12
N SER A 79 0.22 33.20 -11.12
CA SER A 79 0.37 31.93 -10.48
C SER A 79 1.43 32.04 -9.40
N PHE A 80 1.32 31.29 -8.32
CA PHE A 80 2.39 31.35 -7.36
C PHE A 80 3.62 31.12 -8.15
N ALA A 81 3.49 30.33 -9.19
CA ALA A 81 4.60 30.12 -10.06
C ALA A 81 4.98 31.47 -10.63
N ASP A 82 3.98 32.23 -11.05
CA ASP A 82 4.25 33.54 -11.64
C ASP A 82 5.10 34.42 -10.73
N LEU A 83 4.72 34.49 -9.45
CA LEU A 83 5.43 35.36 -8.53
C LEU A 83 6.87 34.91 -8.32
N ARG B 69 14.97 28.52 -3.39
CA ARG B 69 15.52 28.24 -2.07
C ARG B 69 14.73 28.92 -0.97
N LEU B 70 15.38 29.80 -0.23
CA LEU B 70 14.72 30.50 0.85
C LEU B 70 13.65 31.42 0.30
N ARG B 71 13.86 31.92 -0.90
CA ARG B 71 12.85 32.78 -1.53
C ARG B 71 11.58 32.00 -1.72
N TYR B 72 11.71 30.79 -2.26
CA TYR B 72 10.54 29.95 -2.44
C TYR B 72 9.93 29.71 -1.10
N ARG B 73 10.76 29.37 -0.12
CA ARG B 73 10.20 29.03 1.18
C ARG B 73 9.34 30.16 1.66
N GLN B 74 9.82 31.38 1.52
CA GLN B 74 9.05 32.54 1.96
C GLN B 74 7.75 32.68 1.17
N LEU B 75 7.85 32.81 -0.15
CA LEU B 75 6.65 33.00 -0.94
C LEU B 75 5.60 32.03 -0.48
N VAL B 76 5.99 30.78 -0.27
CA VAL B 76 5.05 29.77 0.11
C VAL B 76 4.24 30.26 1.28
N ASN B 77 4.91 30.85 2.26
CA ASN B 77 4.18 31.26 3.45
C ASN B 77 3.69 32.71 3.40
N SER B 78 3.93 33.39 2.29
CA SER B 78 3.54 34.80 2.19
C SER B 78 2.05 34.94 1.90
N SER B 79 1.49 36.08 2.30
CA SER B 79 0.07 36.33 2.05
C SER B 79 -0.06 37.27 0.88
N PHE B 80 -1.02 37.02 0.02
CA PHE B 80 -1.20 37.85 -1.15
C PHE B 80 -1.02 39.30 -0.77
N ALA B 81 -1.65 39.72 0.31
CA ALA B 81 -1.56 41.13 0.67
C ALA B 81 -0.11 41.58 0.93
N ASP B 82 0.84 40.65 0.91
CA ASP B 82 2.22 41.01 1.21
C ASP B 82 3.07 40.98 -0.05
N LEU B 83 2.50 40.45 -1.12
CA LEU B 83 3.22 40.44 -2.39
C LEU B 83 3.10 41.80 -3.09
N GLN B 84 2.30 42.73 -2.57
CA GLN B 84 2.28 44.07 -3.15
C GLN B 84 3.44 44.91 -2.64
N SER C 7 -2.09 -24.92 15.62
CA SER C 7 -1.35 -23.75 16.10
C SER C 7 -0.64 -23.05 14.95
N ARG C 8 0.53 -22.48 15.24
CA ARG C 8 1.34 -21.77 14.27
C ARG C 8 2.58 -22.57 13.86
N ALA C 9 2.44 -23.89 13.75
CA ALA C 9 3.59 -24.73 13.44
C ALA C 9 4.18 -24.40 12.08
N PHE C 10 3.34 -23.98 11.13
CA PHE C 10 3.81 -23.63 9.79
C PHE C 10 4.74 -22.43 9.80
N ALA C 11 4.71 -21.63 10.86
CA ALA C 11 5.47 -20.38 10.88
C ALA C 11 6.97 -20.64 10.85
N LYS C 12 7.43 -21.68 11.53
CA LYS C 12 8.86 -21.91 11.65
C LYS C 12 9.51 -22.34 10.35
N ASP C 13 8.76 -22.98 9.45
CA ASP C 13 9.35 -23.66 8.30
C ASP C 13 9.00 -23.00 6.97
N VAL C 14 8.80 -21.68 6.96
CA VAL C 14 8.47 -20.99 5.72
C VAL C 14 9.76 -20.57 5.01
N LYS C 15 9.71 -20.54 3.68
CA LYS C 15 10.87 -20.17 2.89
C LYS C 15 10.61 -18.93 2.05
N ARG C 16 9.46 -18.89 1.37
CA ARG C 16 9.08 -17.73 0.56
C ARG C 16 7.87 -17.08 1.21
N ILE C 17 8.06 -15.87 1.73
CA ILE C 17 7.02 -15.14 2.44
C ILE C 17 6.63 -13.94 1.60
N VAL C 18 5.33 -13.67 1.51
CA VAL C 18 4.81 -12.52 0.79
C VAL C 18 4.11 -11.58 1.77
N VAL C 19 4.44 -10.30 1.67
CA VAL C 19 3.87 -9.26 2.52
C VAL C 19 3.30 -8.17 1.64
N LYS C 20 2.13 -7.66 2.01
CA LYS C 20 1.42 -6.66 1.23
C LYS C 20 1.08 -5.49 2.14
N VAL C 21 1.32 -4.27 1.66
CA VAL C 21 1.01 -3.05 2.40
C VAL C 21 0.04 -2.22 1.59
N GLY C 22 -1.08 -1.84 2.22
CA GLY C 22 -2.09 -1.03 1.58
C GLY C 22 -1.90 0.46 1.83
N THR C 23 -2.77 1.24 1.19
CA THR C 23 -2.71 2.69 1.37
C THR C 23 -3.07 3.10 2.78
N ALA C 24 -3.66 2.19 3.55
CA ALA C 24 -4.01 2.50 4.93
C ALA C 24 -2.79 2.62 5.83
N VAL C 25 -1.68 2.04 5.39
CA VAL C 25 -0.47 2.07 6.20
C VAL C 25 0.62 2.93 5.56
N VAL C 26 0.76 2.87 4.24
CA VAL C 26 1.82 3.62 3.58
C VAL C 26 1.61 5.12 3.69
N THR C 27 0.37 5.58 3.58
CA THR C 27 0.10 7.02 3.59
C THR C 27 -0.42 7.52 4.92
N GLY C 28 0.08 8.65 5.38
CA GLY C 28 -0.39 9.22 6.64
C GLY C 28 -1.27 10.43 6.41
N LYS C 29 -1.34 11.31 7.40
CA LYS C 29 -2.15 12.52 7.26
C LYS C 29 -1.64 13.43 6.16
N GLY C 30 -2.53 14.14 5.49
CA GLY C 30 -2.11 15.07 4.46
C GLY C 30 -1.52 14.40 3.25
N GLY C 31 -1.90 13.16 2.99
CA GLY C 31 -1.43 12.46 1.81
C GLY C 31 0.07 12.56 1.69
N ARG C 32 0.77 12.40 2.81
CA ARG C 32 2.23 12.44 2.79
C ARG C 32 2.73 11.08 3.18
N LEU C 33 3.77 10.60 2.50
CA LEU C 33 4.26 9.26 2.79
C LEU C 33 4.51 9.17 4.27
N ALA C 34 3.96 8.13 4.89
CA ALA C 34 4.16 7.95 6.31
C ALA C 34 5.58 7.48 6.50
N LEU C 35 6.53 8.40 6.37
CA LEU C 35 7.94 8.03 6.47
C LEU C 35 8.16 7.12 7.67
N GLY C 36 7.36 7.31 8.70
CA GLY C 36 7.51 6.51 9.90
C GLY C 36 7.22 5.03 9.70
N ARG C 37 5.96 4.69 9.48
CA ARG C 37 5.61 3.29 9.35
C ARG C 37 6.33 2.70 8.17
N LEU C 38 6.29 3.39 7.05
CA LEU C 38 6.90 2.86 5.83
C LEU C 38 8.35 2.55 6.11
N GLY C 39 9.00 3.38 6.92
CA GLY C 39 10.38 3.14 7.25
C GLY C 39 10.56 1.92 8.15
N ALA C 40 9.94 1.95 9.32
CA ALA C 40 10.12 0.86 10.27
C ALA C 40 9.89 -0.49 9.60
N ILE C 41 8.84 -0.61 8.80
CA ILE C 41 8.55 -1.91 8.21
C ILE C 41 9.60 -2.29 7.19
N CYS C 42 10.09 -1.32 6.40
CA CYS C 42 11.12 -1.69 5.43
C CYS C 42 12.44 -1.98 6.12
N GLU C 43 12.71 -1.32 7.25
CA GLU C 43 13.85 -1.67 8.08
C GLU C 43 13.78 -3.13 8.51
N GLN C 44 12.64 -3.52 9.09
CA GLN C 44 12.52 -4.89 9.57
C GLN C 44 12.57 -5.87 8.41
N LEU C 45 12.01 -5.51 7.26
CA LEU C 45 12.06 -6.38 6.09
C LEU C 45 13.48 -6.59 5.61
N ALA C 46 14.28 -5.52 5.57
CA ALA C 46 15.68 -5.67 5.18
C ALA C 46 16.43 -6.56 6.17
N GLU C 47 16.18 -6.36 7.47
CA GLU C 47 16.81 -7.21 8.47
C GLU C 47 16.41 -8.67 8.28
N LEU C 48 15.12 -8.91 8.01
CA LEU C 48 14.63 -10.27 7.84
C LEU C 48 15.22 -10.92 6.60
N ASN C 49 15.34 -10.16 5.51
CA ASN C 49 15.97 -10.68 4.31
C ASN C 49 17.44 -10.99 4.53
N SER C 50 18.11 -10.19 5.37
CA SER C 50 19.51 -10.46 5.69
C SER C 50 19.66 -11.77 6.46
N ASP C 51 18.58 -12.34 6.98
CA ASP C 51 18.62 -13.64 7.64
C ASP C 51 18.48 -14.80 6.66
N GLY C 52 18.31 -14.51 5.36
CA GLY C 52 18.24 -15.55 4.35
C GLY C 52 16.85 -15.84 3.83
N PHE C 53 15.81 -15.26 4.42
CA PHE C 53 14.47 -15.52 3.93
C PHE C 53 14.23 -14.83 2.59
N GLU C 54 13.19 -15.27 1.89
CA GLU C 54 12.84 -14.76 0.58
C GLU C 54 11.49 -14.06 0.67
N VAL C 55 11.49 -12.73 0.71
CA VAL C 55 10.28 -11.95 0.92
C VAL C 55 9.80 -11.38 -0.40
N ILE C 56 8.49 -11.19 -0.50
CA ILE C 56 7.85 -10.57 -1.65
C ILE C 56 7.03 -9.38 -1.15
N LEU C 57 7.22 -8.23 -1.78
CA LEU C 57 6.60 -6.99 -1.35
C LEU C 57 5.54 -6.55 -2.34
N VAL C 58 4.36 -6.18 -1.83
CA VAL C 58 3.28 -5.65 -2.63
C VAL C 58 2.91 -4.28 -2.06
N SER C 59 2.92 -3.26 -2.92
CA SER C 59 2.71 -1.88 -2.50
C SER C 59 1.39 -1.36 -3.05
N SER C 60 0.81 -0.38 -2.35
CA SER C 60 -0.52 0.11 -2.71
C SER C 60 -0.70 1.62 -2.56
N GLY C 61 0.37 2.39 -2.42
CA GLY C 61 0.22 3.80 -2.10
C GLY C 61 0.30 4.76 -3.27
N ALA C 62 0.12 4.25 -4.49
CA ALA C 62 0.28 5.11 -5.67
C ALA C 62 -0.79 6.20 -5.73
N VAL C 63 -2.03 5.82 -5.46
CA VAL C 63 -3.12 6.76 -5.53
C VAL C 63 -2.91 7.99 -4.66
N GLY C 64 -2.78 7.82 -3.35
CA GLY C 64 -2.65 8.98 -2.47
C GLY C 64 -1.52 9.95 -2.74
N LEU C 65 -0.30 9.43 -2.86
CA LEU C 65 0.84 10.30 -3.07
C LEU C 65 0.60 11.02 -4.37
N GLY C 66 0.13 10.28 -5.36
CA GLY C 66 -0.13 10.88 -6.65
C GLY C 66 -1.07 12.05 -6.47
N ARG C 67 -2.18 11.79 -5.78
CA ARG C 67 -3.16 12.85 -5.65
C ARG C 67 -2.54 14.09 -5.06
N GLN C 68 -1.82 13.96 -3.94
CA GLN C 68 -1.23 15.13 -3.29
C GLN C 68 -0.29 15.88 -4.22
N ARG C 69 0.60 15.15 -4.88
CA ARG C 69 1.56 15.78 -5.76
C ARG C 69 0.82 16.56 -6.84
N LEU C 70 -0.21 15.98 -7.42
CA LEU C 70 -0.92 16.68 -8.48
C LEU C 70 -1.56 17.90 -7.90
N ARG C 71 -2.04 17.77 -6.67
CA ARG C 71 -2.64 18.89 -5.99
C ARG C 71 -1.66 20.02 -6.02
N TYR C 72 -0.47 19.78 -5.47
CA TYR C 72 0.48 20.86 -5.38
C TYR C 72 0.76 21.40 -6.77
N ARG C 73 1.03 20.54 -7.73
CA ARG C 73 1.39 21.03 -9.06
C ARG C 73 0.33 21.94 -9.64
N GLN C 74 -0.94 21.56 -9.48
CA GLN C 74 -2.03 22.39 -9.97
C GLN C 74 -2.06 23.73 -9.27
N LEU C 75 -2.02 23.71 -7.94
CA LEU C 75 -2.08 24.96 -7.18
C LEU C 75 -0.96 25.91 -7.55
N VAL C 76 0.23 25.37 -7.76
CA VAL C 76 1.37 26.20 -8.15
C VAL C 76 1.00 26.97 -9.40
N ASN C 77 0.20 26.38 -10.26
CA ASN C 77 -0.21 27.04 -11.50
C ASN C 77 -1.71 27.30 -11.50
N SER C 78 -2.15 28.29 -10.73
CA SER C 78 -3.57 28.61 -10.67
C SER C 78 -3.76 30.12 -10.48
N SER C 79 -4.95 30.61 -10.78
CA SER C 79 -5.21 32.05 -10.64
C SER C 79 -6.62 32.34 -10.17
N PHE C 80 -6.77 32.73 -8.90
CA PHE C 80 -8.08 33.06 -8.36
C PHE C 80 -8.97 31.83 -8.35
N ALA C 81 -8.47 30.75 -8.94
CA ALA C 81 -9.28 29.55 -9.02
C ALA C 81 -9.49 29.09 -7.60
N ASP C 82 -8.75 29.67 -6.68
CA ASP C 82 -8.84 29.25 -5.29
C ASP C 82 -10.06 29.89 -4.62
N LEU C 83 -10.85 30.62 -5.39
CA LEU C 83 -12.02 31.29 -4.84
C LEU C 83 -13.01 30.26 -4.31
N LEU C 90 -9.11 14.89 -9.69
CA LEU C 90 -8.14 14.66 -10.76
C LEU C 90 -8.18 13.23 -11.29
N ASP C 91 -8.01 13.07 -12.60
CA ASP C 91 -8.05 11.74 -13.21
C ASP C 91 -7.01 10.84 -12.58
N GLY C 92 -7.44 9.64 -12.17
CA GLY C 92 -6.53 8.73 -11.51
C GLY C 92 -5.35 8.32 -12.37
N LYS C 93 -5.59 8.05 -13.65
CA LYS C 93 -4.53 7.58 -14.51
C LYS C 93 -3.25 8.38 -14.33
N ALA C 94 -3.37 9.68 -14.09
CA ALA C 94 -2.19 10.51 -13.83
C ALA C 94 -1.77 10.48 -12.37
N CYS C 95 -2.77 10.45 -11.50
CA CYS C 95 -2.44 10.46 -10.11
C CYS C 95 -1.56 9.27 -9.93
N ALA C 96 -1.94 8.12 -10.47
CA ALA C 96 -1.20 6.88 -10.28
C ALA C 96 0.16 6.95 -10.89
N GLY C 97 0.28 7.44 -12.10
CA GLY C 97 1.62 7.61 -12.61
C GLY C 97 2.51 8.29 -11.59
N VAL C 98 2.12 9.50 -11.18
CA VAL C 98 3.05 10.21 -10.29
C VAL C 98 3.24 9.48 -8.96
N GLY C 99 2.18 8.89 -8.45
CA GLY C 99 2.26 8.21 -7.18
C GLY C 99 3.23 7.06 -7.23
N GLN C 100 3.20 6.28 -8.29
CA GLN C 100 4.13 5.16 -8.46
C GLN C 100 5.52 5.69 -8.56
N SER C 101 5.74 6.71 -9.38
CA SER C 101 7.09 7.18 -9.38
C SER C 101 7.52 7.39 -7.96
N SER C 102 6.75 8.18 -7.21
CA SER C 102 7.20 8.53 -5.87
C SER C 102 7.40 7.36 -4.91
N LEU C 103 6.48 6.42 -4.92
CA LEU C 103 6.55 5.31 -4.01
C LEU C 103 7.80 4.54 -4.32
N MET C 104 8.07 4.33 -5.59
CA MET C 104 9.24 3.52 -5.92
C MET C 104 10.48 4.26 -5.49
N ALA C 105 10.48 5.56 -5.71
CA ALA C 105 11.62 6.36 -5.25
C ALA C 105 11.85 6.13 -3.77
N TYR C 106 10.82 6.30 -2.95
CA TYR C 106 11.04 6.14 -1.52
C TYR C 106 11.54 4.77 -1.23
N TYR C 107 10.90 3.74 -1.77
CA TYR C 107 11.30 2.41 -1.42
C TYR C 107 12.79 2.26 -1.70
N GLU C 108 13.23 2.66 -2.88
CA GLU C 108 14.64 2.44 -3.22
C GLU C 108 15.48 3.24 -2.26
N THR C 109 15.35 4.56 -2.33
CA THR C 109 16.19 5.39 -1.46
C THR C 109 16.28 4.80 -0.06
N MET C 110 15.16 4.34 0.48
CA MET C 110 15.17 3.79 1.84
C MET C 110 15.89 2.45 1.89
N PHE C 111 15.74 1.63 0.85
CA PHE C 111 16.39 0.32 0.83
C PHE C 111 17.86 0.38 0.46
N ASP C 112 18.35 1.48 -0.10
CA ASP C 112 19.78 1.59 -0.33
C ASP C 112 20.57 1.81 0.96
N GLN C 113 19.89 2.03 2.09
CA GLN C 113 20.57 2.21 3.36
C GLN C 113 21.08 0.89 3.94
N LEU C 114 20.61 -0.24 3.43
CA LEU C 114 21.03 -1.56 3.93
C LEU C 114 21.44 -2.49 2.79
N ASP C 115 21.91 -1.91 1.68
CA ASP C 115 22.36 -2.64 0.50
C ASP C 115 21.43 -3.80 0.14
N VAL C 116 20.13 -3.51 0.10
CA VAL C 116 19.11 -4.43 -0.37
C VAL C 116 18.56 -3.88 -1.68
N THR C 117 18.63 -4.67 -2.74
CA THR C 117 18.24 -4.24 -4.06
C THR C 117 16.82 -4.71 -4.37
N VAL C 118 16.02 -3.81 -4.93
CA VAL C 118 14.63 -4.11 -5.28
C VAL C 118 14.39 -3.72 -6.73
N ALA C 119 13.67 -4.58 -7.44
CA ALA C 119 13.26 -4.34 -8.82
C ALA C 119 11.74 -4.24 -8.87
N GLN C 120 11.24 -3.24 -9.59
CA GLN C 120 9.80 -2.99 -9.68
C GLN C 120 9.24 -3.83 -10.81
N MET C 121 8.45 -4.84 -10.46
CA MET C 121 7.73 -5.67 -11.42
C MET C 121 6.26 -5.33 -11.31
N LEU C 122 5.67 -4.84 -12.40
CA LEU C 122 4.28 -4.39 -12.40
C LEU C 122 3.46 -5.29 -13.32
N VAL C 123 2.30 -5.72 -12.82
CA VAL C 123 1.41 -6.61 -13.55
C VAL C 123 0.11 -5.87 -13.84
N THR C 124 -0.54 -6.26 -14.94
CA THR C 124 -1.79 -5.64 -15.38
C THR C 124 -2.85 -6.71 -15.61
N ASP C 125 -4.11 -6.26 -15.63
CA ASP C 125 -5.23 -7.18 -15.78
C ASP C 125 -5.15 -7.94 -17.09
N SER C 126 -4.82 -7.25 -18.17
CA SER C 126 -4.71 -7.89 -19.47
C SER C 126 -3.32 -8.51 -19.66
N SER C 127 -2.86 -9.26 -18.67
CA SER C 127 -1.63 -10.04 -18.81
C SER C 127 -1.72 -11.44 -18.23
N PHE C 128 -2.63 -11.72 -17.31
CA PHE C 128 -2.71 -13.01 -16.65
C PHE C 128 -3.63 -13.98 -17.36
N ARG C 129 -4.20 -13.58 -18.49
CA ARG C 129 -5.01 -14.48 -19.32
C ARG C 129 -4.17 -15.28 -20.30
N ASP C 130 -2.87 -15.01 -20.39
CA ASP C 130 -1.99 -15.73 -21.30
C ASP C 130 -1.50 -17.01 -20.64
N LYS C 131 -1.32 -18.05 -21.46
CA LYS C 131 -0.99 -19.36 -20.91
C LYS C 131 0.45 -19.44 -20.45
N ASP C 132 1.37 -18.76 -21.14
CA ASP C 132 2.79 -18.85 -20.84
C ASP C 132 3.32 -17.65 -20.08
N PHE C 133 2.55 -16.57 -19.96
CA PHE C 133 3.02 -15.43 -19.18
C PHE C 133 3.18 -15.79 -17.72
N ARG C 134 2.28 -16.61 -17.19
CA ARG C 134 2.42 -17.06 -15.81
C ARG C 134 3.71 -17.85 -15.61
N LYS C 135 4.02 -18.74 -16.55
CA LYS C 135 5.27 -19.50 -16.44
C LYS C 135 6.48 -18.60 -16.53
N GLN C 136 6.45 -17.63 -17.45
CA GLN C 136 7.58 -16.71 -17.57
C GLN C 136 7.78 -15.89 -16.30
N LEU C 137 6.68 -15.41 -15.72
CA LEU C 137 6.79 -14.64 -14.48
C LEU C 137 7.30 -15.52 -13.35
N SER C 138 6.84 -16.77 -13.28
CA SER C 138 7.32 -17.67 -12.25
C SER C 138 8.82 -17.87 -12.35
N GLU C 139 9.30 -18.14 -13.57
CA GLU C 139 10.73 -18.38 -13.75
C GLU C 139 11.53 -17.12 -13.42
N THR C 140 11.09 -15.95 -13.87
CA THR C 140 11.88 -14.74 -13.65
C THR C 140 11.88 -14.36 -12.17
N VAL C 141 10.77 -14.54 -11.47
CA VAL C 141 10.74 -14.20 -10.04
C VAL C 141 11.59 -15.20 -9.26
N LYS C 142 11.53 -16.48 -9.62
CA LYS C 142 12.39 -17.46 -8.95
C LYS C 142 13.86 -17.14 -9.16
N ALA C 143 14.23 -16.75 -10.39
CA ALA C 143 15.62 -16.40 -10.66
C ALA C 143 16.03 -15.14 -9.90
N MET C 144 15.16 -14.14 -9.83
CA MET C 144 15.54 -12.88 -9.21
C MET C 144 15.61 -13.00 -7.69
N LEU C 145 14.68 -13.75 -7.09
CA LEU C 145 14.68 -13.92 -5.64
C LEU C 145 15.59 -15.07 -5.23
N ARG C 146 16.82 -15.01 -5.72
CA ARG C 146 17.88 -15.93 -5.34
C ARG C 146 19.11 -15.20 -4.86
N MET C 147 19.46 -14.08 -5.49
CA MET C 147 20.54 -13.23 -5.00
C MET C 147 20.01 -12.15 -4.07
N ARG C 148 19.19 -12.57 -3.10
CA ARG C 148 18.69 -11.70 -2.03
C ARG C 148 18.06 -10.43 -2.58
N VAL C 149 17.47 -10.50 -3.78
CA VAL C 149 16.80 -9.37 -4.40
C VAL C 149 15.31 -9.46 -4.08
N ILE C 150 14.75 -8.37 -3.58
CA ILE C 150 13.34 -8.31 -3.18
C ILE C 150 12.56 -7.71 -4.35
N PRO C 151 11.61 -8.43 -4.94
CA PRO C 151 10.75 -7.83 -5.96
C PRO C 151 9.52 -7.18 -5.35
N VAL C 152 9.04 -6.15 -6.04
CA VAL C 152 7.89 -5.37 -5.60
C VAL C 152 6.84 -5.42 -6.70
N PHE C 153 5.63 -5.85 -6.34
CA PHE C 153 4.50 -5.93 -7.25
C PHE C 153 3.44 -4.92 -6.85
N ASN C 154 2.77 -4.36 -7.84
CA ASN C 154 1.68 -3.43 -7.58
C ASN C 154 0.82 -3.37 -8.83
N GLU C 155 -0.47 -3.14 -8.63
CA GLU C 155 -1.40 -2.99 -9.76
C GLU C 155 -1.00 -1.76 -10.57
N ASN C 156 -0.93 -1.91 -11.89
CA ASN C 156 -0.52 -0.79 -12.74
C ASN C 156 -1.77 0.00 -13.12
N ASP C 157 -2.13 0.94 -12.24
CA ASP C 157 -3.35 1.72 -12.44
C ASP C 157 -3.28 2.60 -13.68
N ALA C 158 -2.07 2.89 -14.16
CA ALA C 158 -1.92 3.75 -15.34
C ALA C 158 -2.55 3.11 -16.56
N ILE C 159 -2.02 1.95 -16.98
CA ILE C 159 -2.50 1.30 -18.20
C ILE C 159 -3.89 0.72 -17.97
N SER C 160 -4.25 0.42 -16.72
CA SER C 160 -5.49 -0.26 -16.41
C SER C 160 -6.69 0.48 -17.00
N THR C 161 -7.57 -0.27 -17.66
CA THR C 161 -8.70 0.30 -18.37
C THR C 161 -10.03 0.08 -17.65
N ARG C 162 -10.22 -1.09 -17.06
CA ARG C 162 -11.47 -1.40 -16.35
C ARG C 162 -11.65 -0.50 -15.13
N ASP C 168 -13.74 -9.53 -16.43
CA ASP C 168 -13.61 -9.92 -15.03
C ASP C 168 -12.15 -10.17 -14.67
N SER C 169 -11.36 -10.54 -15.67
CA SER C 169 -9.95 -10.92 -15.50
C SER C 169 -9.88 -12.02 -14.44
N THR C 170 -9.01 -11.92 -13.45
CA THR C 170 -8.97 -12.89 -12.36
C THR C 170 -8.82 -12.13 -11.05
N GLY C 171 -9.65 -12.48 -10.07
CA GLY C 171 -9.69 -11.77 -8.82
C GLY C 171 -10.75 -10.69 -8.82
N ILE C 172 -11.68 -10.74 -7.85
CA ILE C 172 -12.78 -9.80 -7.82
C ILE C 172 -12.26 -8.40 -7.49
N PHE C 173 -12.56 -7.44 -8.36
CA PHE C 173 -12.18 -6.03 -8.21
C PHE C 173 -10.67 -5.88 -8.36
N TRP C 174 -9.97 -7.00 -8.44
CA TRP C 174 -8.52 -7.09 -8.58
C TRP C 174 -7.76 -6.01 -7.81
N ASP C 175 -8.17 -5.74 -6.57
CA ASP C 175 -7.37 -4.87 -5.74
C ASP C 175 -6.09 -5.59 -5.34
N ASN C 176 -5.19 -4.87 -4.66
CA ASN C 176 -3.92 -5.48 -4.29
C ASN C 176 -4.10 -6.68 -3.37
N ASP C 177 -5.22 -6.77 -2.66
CA ASP C 177 -5.47 -7.93 -1.82
C ASP C 177 -5.64 -9.19 -2.67
N SER C 178 -6.54 -9.14 -3.66
CA SER C 178 -6.72 -10.29 -4.54
C SER C 178 -5.49 -10.54 -5.39
N LEU C 179 -4.80 -9.46 -5.81
CA LEU C 179 -3.57 -9.63 -6.57
C LEU C 179 -2.53 -10.39 -5.75
N ALA C 180 -2.36 -10.01 -4.49
CA ALA C 180 -1.41 -10.69 -3.62
C ALA C 180 -1.83 -12.15 -3.41
N ALA C 181 -3.12 -12.39 -3.18
CA ALA C 181 -3.58 -13.76 -2.95
C ALA C 181 -3.31 -14.63 -4.16
N LEU C 182 -3.68 -14.16 -5.34
CA LEU C 182 -3.45 -14.96 -6.55
C LEU C 182 -1.95 -15.14 -6.81
N LEU C 183 -1.16 -14.09 -6.61
CA LEU C 183 0.26 -14.20 -6.91
C LEU C 183 0.94 -15.18 -5.95
N SER C 184 0.54 -15.17 -4.68
CA SER C 184 1.06 -16.15 -3.73
C SER C 184 0.55 -17.55 -4.04
N LEU C 185 -0.65 -17.67 -4.61
CA LEU C 185 -1.14 -18.98 -5.01
C LEU C 185 -0.39 -19.51 -6.23
N GLU C 186 0.04 -18.62 -7.12
CA GLU C 186 0.75 -19.05 -8.33
C GLU C 186 2.17 -19.50 -8.01
N LEU C 187 2.99 -18.58 -7.51
CA LEU C 187 4.35 -18.92 -7.13
C LEU C 187 4.32 -19.76 -5.86
N LYS C 188 5.05 -20.87 -5.87
CA LYS C 188 5.09 -21.73 -4.70
C LYS C 188 5.66 -20.95 -3.53
N ALA C 189 4.82 -20.61 -2.57
CA ALA C 189 5.20 -19.81 -1.42
C ALA C 189 4.23 -20.11 -0.29
N ASP C 190 4.37 -19.37 0.81
CA ASP C 190 3.48 -19.55 1.95
C ASP C 190 3.53 -18.31 2.83
N LEU C 191 2.63 -18.28 3.80
CA LEU C 191 2.53 -17.18 4.76
C LEU C 191 2.26 -15.85 4.07
N LEU C 192 1.08 -15.77 3.45
CA LEU C 192 0.60 -14.49 2.93
C LEU C 192 0.34 -13.54 4.09
N ILE C 193 1.12 -12.46 4.17
CA ILE C 193 1.00 -11.47 5.23
C ILE C 193 0.42 -10.21 4.62
N LEU C 194 -0.67 -9.72 5.20
CA LEU C 194 -1.29 -8.48 4.77
C LEU C 194 -1.29 -7.51 5.95
N LEU C 195 -0.90 -6.28 5.71
CA LEU C 195 -0.77 -5.26 6.75
C LEU C 195 -1.92 -4.28 6.61
N SER C 196 -2.71 -4.14 7.67
CA SER C 196 -3.79 -3.17 7.75
C SER C 196 -3.56 -2.29 8.98
N ASP C 197 -4.54 -1.44 9.27
CA ASP C 197 -4.46 -0.56 10.43
C ASP C 197 -5.13 -1.14 11.67
N VAL C 198 -5.71 -2.32 11.57
CA VAL C 198 -6.39 -2.97 12.69
C VAL C 198 -5.60 -4.22 13.07
N GLU C 199 -5.56 -4.51 14.37
CA GLU C 199 -4.74 -5.61 14.88
C GLU C 199 -5.41 -6.97 14.72
N GLY C 200 -5.87 -7.27 13.51
CA GLY C 200 -6.47 -8.55 13.20
C GLY C 200 -7.85 -8.37 12.63
N LEU C 201 -8.53 -9.50 12.41
CA LEU C 201 -9.88 -9.52 11.85
C LEU C 201 -10.87 -9.58 13.01
N TYR C 202 -11.39 -8.42 13.39
CA TYR C 202 -12.45 -8.40 14.39
C TYR C 202 -13.73 -8.97 13.82
N THR C 203 -14.50 -9.67 14.67
CA THR C 203 -15.75 -10.26 14.21
C THR C 203 -16.77 -9.22 13.80
N GLY C 204 -16.63 -7.98 14.26
CA GLY C 204 -17.52 -6.90 13.90
C GLY C 204 -16.78 -5.59 13.80
N PRO C 205 -17.52 -4.49 13.79
CA PRO C 205 -16.89 -3.17 13.75
C PRO C 205 -16.05 -2.94 14.98
N PRO C 206 -14.80 -2.51 14.82
CA PRO C 206 -13.92 -2.34 15.99
C PRO C 206 -14.41 -1.29 16.96
N SER C 207 -15.12 -0.26 16.47
CA SER C 207 -15.61 0.80 17.36
C SER C 207 -16.59 0.24 18.38
N ASP C 208 -17.51 -0.61 17.95
CA ASP C 208 -18.51 -1.17 18.86
C ASP C 208 -17.86 -2.12 19.85
N SER C 209 -18.33 -2.08 21.09
CA SER C 209 -17.80 -2.96 22.12
C SER C 209 -18.08 -4.44 21.84
N THR C 210 -19.11 -4.72 21.03
CA THR C 210 -19.41 -6.10 20.61
C THR C 210 -18.54 -6.47 19.42
N SER C 211 -17.23 -6.54 19.67
CA SER C 211 -16.27 -6.87 18.63
C SER C 211 -15.02 -7.43 19.32
N LYS C 212 -14.72 -8.70 19.09
CA LYS C 212 -13.61 -9.35 19.75
C LYS C 212 -12.68 -9.97 18.72
N LEU C 213 -11.38 -9.90 18.98
CA LEU C 213 -10.40 -10.50 18.10
C LEU C 213 -10.50 -12.02 18.15
N ILE C 214 -10.26 -12.66 17.01
CA ILE C 214 -10.34 -14.11 16.89
C ILE C 214 -8.95 -14.66 16.64
N HIS C 215 -8.55 -15.65 17.45
CA HIS C 215 -7.25 -16.27 17.25
C HIS C 215 -7.19 -17.02 15.92
N THR C 216 -8.25 -17.74 15.58
CA THR C 216 -8.32 -18.53 14.36
C THR C 216 -9.52 -18.11 13.53
N PHE C 217 -9.73 -18.81 12.42
CA PHE C 217 -10.85 -18.55 11.51
C PHE C 217 -11.36 -19.89 11.00
N ILE C 218 -12.60 -20.23 11.34
CA ILE C 218 -13.24 -21.44 10.83
C ILE C 218 -14.19 -21.02 9.72
N LYS C 219 -14.03 -21.65 8.55
CA LYS C 219 -14.79 -21.24 7.37
C LYS C 219 -16.28 -21.39 7.57
N GLU C 220 -16.72 -22.57 7.97
CA GLU C 220 -18.16 -22.83 8.08
C GLU C 220 -18.76 -22.11 9.30
N LYS C 221 -17.97 -21.94 10.36
CA LYS C 221 -18.51 -21.34 11.59
C LYS C 221 -18.62 -19.84 11.47
N HIS C 222 -17.69 -19.19 10.76
CA HIS C 222 -17.56 -17.74 10.77
C HIS C 222 -18.18 -17.08 9.55
N GLN C 223 -17.73 -17.47 8.34
CA GLN C 223 -18.02 -16.72 7.13
C GLN C 223 -19.50 -16.41 6.95
N ASP C 224 -20.36 -17.36 7.29
CA ASP C 224 -21.79 -17.16 7.10
C ASP C 224 -22.34 -16.10 8.05
N GLU C 225 -21.83 -16.03 9.27
CA GLU C 225 -22.49 -15.27 10.31
C GLU C 225 -21.80 -13.97 10.70
N ILE C 226 -20.49 -13.82 10.45
CA ILE C 226 -19.87 -12.53 10.72
C ILE C 226 -20.40 -11.50 9.73
N THR C 227 -20.67 -10.30 10.23
CA THR C 227 -21.21 -9.22 9.43
C THR C 227 -20.40 -7.95 9.67
N PHE C 228 -19.96 -7.32 8.59
CA PHE C 228 -19.07 -6.16 8.69
C PHE C 228 -19.32 -5.26 7.49
N GLY C 229 -18.53 -4.21 7.39
CA GLY C 229 -18.63 -3.27 6.30
C GLY C 229 -19.35 -2.00 6.72
N GLU C 230 -19.04 -0.91 6.04
CA GLU C 230 -19.67 0.37 6.33
C GLU C 230 -19.75 1.23 5.07
N LEU C 234 -8.81 5.31 1.57
CA LEU C 234 -8.74 3.89 1.29
C LEU C 234 -8.91 3.62 -0.20
N GLY C 235 -8.13 4.34 -1.01
CA GLY C 235 -8.27 4.22 -2.46
C GLY C 235 -7.95 2.84 -2.98
N ARG C 236 -6.86 2.24 -2.50
CA ARG C 236 -6.42 0.94 -2.98
C ARG C 236 -6.83 -0.13 -1.98
N GLY C 237 -7.54 -1.15 -2.46
CA GLY C 237 -8.02 -2.21 -1.61
C GLY C 237 -9.45 -1.98 -1.15
N GLY C 238 -9.78 -2.61 -0.03
CA GLY C 238 -11.10 -2.47 0.56
C GLY C 238 -11.52 -3.73 1.26
N MET C 239 -12.04 -3.61 2.48
CA MET C 239 -12.40 -4.79 3.24
C MET C 239 -13.62 -5.46 2.60
N THR C 240 -13.82 -6.75 2.94
CA THR C 240 -14.76 -7.67 2.32
C THR C 240 -14.18 -8.20 1.02
N ALA C 241 -13.02 -7.66 0.63
CA ALA C 241 -12.22 -8.25 -0.42
C ALA C 241 -11.04 -9.00 0.21
N LYS C 242 -10.58 -8.49 1.34
CA LYS C 242 -9.49 -9.15 2.07
C LYS C 242 -9.89 -10.56 2.47
N VAL C 243 -11.10 -10.72 3.01
CA VAL C 243 -11.55 -12.02 3.49
C VAL C 243 -11.67 -12.99 2.33
N LYS C 244 -12.24 -12.53 1.21
CA LYS C 244 -12.39 -13.41 0.06
C LYS C 244 -11.04 -13.82 -0.51
N ALA C 245 -10.10 -12.87 -0.61
CA ALA C 245 -8.77 -13.22 -1.09
C ALA C 245 -8.09 -14.20 -0.14
N ALA C 246 -8.20 -13.97 1.17
CA ALA C 246 -7.59 -14.86 2.14
C ALA C 246 -8.16 -16.27 2.06
N VAL C 247 -9.48 -16.39 1.93
CA VAL C 247 -10.09 -17.71 1.91
C VAL C 247 -9.76 -18.43 0.60
N ASN C 248 -9.79 -17.73 -0.53
CA ASN C 248 -9.48 -18.38 -1.79
C ASN C 248 -7.99 -18.67 -1.94
N ALA C 249 -7.14 -18.04 -1.14
CA ALA C 249 -5.74 -18.42 -1.10
C ALA C 249 -5.47 -19.58 -0.14
N ALA C 250 -6.07 -19.54 1.04
CA ALA C 250 -5.87 -20.62 2.02
C ALA C 250 -6.43 -21.93 1.52
N TYR C 251 -7.63 -21.90 0.93
CA TYR C 251 -8.16 -23.12 0.33
C TYR C 251 -7.34 -23.58 -0.87
N GLY C 252 -6.52 -22.69 -1.44
CA GLY C 252 -5.59 -23.09 -2.48
C GLY C 252 -4.32 -23.74 -1.97
N GLY C 253 -4.01 -23.56 -0.68
CA GLY C 253 -2.83 -24.19 -0.11
C GLY C 253 -1.72 -23.23 0.27
N VAL C 254 -2.08 -22.02 0.73
CA VAL C 254 -1.11 -21.04 1.18
C VAL C 254 -1.59 -20.43 2.50
N PRO C 255 -0.87 -20.61 3.60
CA PRO C 255 -1.33 -20.06 4.88
C PRO C 255 -1.36 -18.54 4.84
N VAL C 256 -2.28 -17.97 5.61
CA VAL C 256 -2.56 -16.53 5.57
C VAL C 256 -2.68 -16.03 7.00
N ILE C 257 -1.98 -14.93 7.29
CA ILE C 257 -2.02 -14.31 8.61
C ILE C 257 -2.23 -12.82 8.44
N ILE C 258 -3.12 -12.25 9.26
CA ILE C 258 -3.48 -10.83 9.19
C ILE C 258 -2.92 -10.14 10.44
N THR C 259 -2.23 -9.02 10.25
CA THR C 259 -1.68 -8.29 11.38
C THR C 259 -1.61 -6.80 11.03
N SER C 260 -1.73 -5.97 12.05
CA SER C 260 -1.68 -4.53 11.87
C SER C 260 -0.28 -4.06 11.51
N GLY C 261 -0.22 -2.93 10.82
CA GLY C 261 1.04 -2.31 10.45
C GLY C 261 1.45 -1.14 11.31
N TYR C 262 0.70 -0.82 12.36
CA TYR C 262 1.04 0.30 13.22
C TYR C 262 2.20 0.01 14.14
N ALA C 263 2.59 -1.25 14.29
CA ALA C 263 3.79 -1.63 15.04
C ALA C 263 4.57 -2.60 14.17
N ALA C 264 5.59 -2.10 13.48
CA ALA C 264 6.30 -2.88 12.47
C ALA C 264 7.04 -4.07 13.05
N GLU C 265 7.23 -4.12 14.37
CA GLU C 265 7.85 -5.29 14.99
C GLU C 265 6.90 -6.46 15.12
N ASN C 266 5.64 -6.31 14.72
CA ASN C 266 4.68 -7.41 14.79
C ASN C 266 5.06 -8.56 13.88
N ILE C 267 5.52 -8.25 12.66
CA ILE C 267 5.80 -9.31 11.69
C ILE C 267 6.97 -10.18 12.15
N SER C 268 7.96 -9.58 12.83
CA SER C 268 9.04 -10.37 13.39
C SER C 268 8.51 -11.36 14.43
N LYS C 269 7.56 -10.92 15.27
CA LYS C 269 6.94 -11.85 16.20
C LYS C 269 6.13 -12.91 15.47
N VAL C 270 5.50 -12.56 14.36
CA VAL C 270 4.78 -13.55 13.57
C VAL C 270 5.74 -14.63 13.09
N LEU C 271 6.89 -14.22 12.58
CA LEU C 271 7.85 -15.17 12.04
C LEU C 271 8.85 -15.63 13.10
N ARG C 272 8.32 -16.02 14.27
CA ARG C 272 9.15 -16.65 15.28
C ARG C 272 8.44 -17.77 16.03
N GLY C 273 7.12 -17.89 15.93
CA GLY C 273 6.38 -18.89 16.68
C GLY C 273 5.54 -18.29 17.78
N LEU C 274 4.96 -17.11 17.54
CA LEU C 274 4.09 -16.44 18.49
C LEU C 274 2.76 -16.12 17.81
N ARG C 275 1.70 -16.13 18.59
CA ARG C 275 0.34 -16.00 18.06
C ARG C 275 -0.12 -14.54 18.17
N VAL C 276 -0.17 -13.86 17.04
CA VAL C 276 -0.84 -12.57 16.91
C VAL C 276 -1.62 -12.58 15.61
N GLY C 277 -2.80 -11.96 15.60
CA GLY C 277 -3.59 -11.87 14.40
C GLY C 277 -4.51 -13.04 14.16
N THR C 278 -4.96 -13.22 12.92
CA THR C 278 -5.90 -14.25 12.53
C THR C 278 -5.29 -15.17 11.51
N LEU C 279 -5.80 -16.40 11.44
CA LEU C 279 -5.22 -17.46 10.64
C LEU C 279 -6.20 -17.91 9.55
N PHE C 280 -5.63 -18.41 8.45
CA PHE C 280 -6.41 -18.98 7.35
C PHE C 280 -5.60 -20.13 6.77
N HIS C 281 -5.92 -21.36 7.16
CA HIS C 281 -5.23 -22.55 6.69
C HIS C 281 -6.23 -23.59 6.22
N GLN C 282 -5.72 -24.60 5.51
CA GLN C 282 -6.55 -25.69 5.02
C GLN C 282 -7.11 -26.55 6.14
N ASP C 283 -6.61 -26.41 7.36
CA ASP C 283 -7.09 -27.22 8.47
C ASP C 283 -8.50 -26.77 8.87
N ALA C 284 -9.19 -27.64 9.61
CA ALA C 284 -10.53 -27.35 10.09
C ALA C 284 -10.69 -27.80 11.53
N ARG D 71 -14.96 35.52 1.60
CA ARG D 71 -14.35 34.83 0.47
C ARG D 71 -13.25 35.66 -0.13
N TYR D 72 -13.61 36.65 -0.93
CA TYR D 72 -12.61 37.45 -1.59
C TYR D 72 -11.57 37.88 -0.58
N ARG D 73 -12.01 38.44 0.53
CA ARG D 73 -11.06 38.92 1.52
C ARG D 73 -10.20 37.79 2.07
N GLN D 74 -10.79 36.64 2.32
CA GLN D 74 -10.05 35.52 2.86
C GLN D 74 -8.81 35.29 2.04
N LEU D 75 -9.01 35.07 0.74
CA LEU D 75 -7.88 34.81 -0.13
C LEU D 75 -7.04 36.05 -0.28
N VAL D 76 -7.68 37.21 -0.31
CA VAL D 76 -6.95 38.45 -0.47
C VAL D 76 -5.83 38.49 0.54
N ASN D 77 -6.09 37.97 1.73
CA ASN D 77 -5.06 37.95 2.75
C ASN D 77 -4.79 36.54 3.20
N SER D 78 -4.09 35.78 2.37
CA SER D 78 -3.75 34.41 2.74
C SER D 78 -2.42 34.01 2.14
N SER D 79 -1.74 33.06 2.78
CA SER D 79 -0.47 32.56 2.27
C SER D 79 -0.77 31.39 1.39
N PHE D 80 -0.30 31.42 0.16
CA PHE D 80 -0.66 30.35 -0.77
C PHE D 80 -0.55 28.98 -0.15
N ALA D 81 0.51 28.76 0.61
CA ALA D 81 0.67 27.47 1.20
C ALA D 81 -0.63 27.17 1.90
N ASP D 82 -1.20 28.17 2.54
CA ASP D 82 -2.45 27.98 3.25
C ASP D 82 -3.54 27.53 2.30
N LEU D 83 -3.68 28.21 1.16
CA LEU D 83 -4.75 27.88 0.23
C LEU D 83 -4.72 26.41 -0.06
N GLN D 84 -3.55 25.81 0.02
CA GLN D 84 -3.43 24.39 -0.20
C GLN D 84 -4.22 23.69 0.88
N LYS D 85 -4.16 24.19 2.10
CA LYS D 85 -4.88 23.59 3.22
C LYS D 85 -5.75 22.41 2.80
#